data_6FXO
#
_entry.id   6FXO
#
_cell.length_a   110.168
_cell.length_b   110.168
_cell.length_c   92.39
_cell.angle_alpha   90.00
_cell.angle_beta   90.00
_cell.angle_gamma   120.00
#
_symmetry.space_group_name_H-M   'P 64 2 2'
#
loop_
_entity.id
_entity.type
_entity.pdbx_description
1 polymer 'Bifunctional autolysin'
2 non-polymer 'CHLORIDE ION'
3 water water
#
_entity_poly.entity_id   1
_entity_poly.type   'polypeptide(L)'
_entity_poly.pdbx_seq_one_letter_code
;AAELIKYNQTGMTLNQVAQIQAGLQYKPQVQRVPGKWTDANFNDVKHAMDTKRLAQDPALKYQFLRLDQPQNISIDKINQ
FLKGKGVLENQGAAFNKAAQMYGINEVYLISHALLETGNGTSQLAKGADVVNNKVVTNSNTKYHNVFGIAAYDNDPLREG
IKYAKQAGWDTVSKAIVGGAKFIGNSYVKAGQNTLYKMRWNPAHPGTHQYATDVDWANINAKIIKGYYDKIGEVGKYFDI
PQYK
;
_entity_poly.pdbx_strand_id   A
#
loop_
_chem_comp.id
_chem_comp.type
_chem_comp.name
_chem_comp.formula
CL non-polymer 'CHLORIDE ION' 'Cl -1'
#
# COMPACT_ATOMS: atom_id res chain seq x y z
N ALA A 1 19.58 8.15 1.88
CA ALA A 1 20.87 8.69 2.31
C ALA A 1 20.81 9.08 3.79
N ALA A 2 19.82 9.90 4.12
CA ALA A 2 19.55 10.41 5.46
C ALA A 2 18.10 10.10 5.87
N GLU A 3 17.86 8.85 6.37
CA GLU A 3 16.55 8.46 6.80
C GLU A 3 16.14 9.41 7.94
N LEU A 4 14.90 9.78 7.93
CA LEU A 4 14.24 10.65 8.90
C LEU A 4 13.10 9.79 9.51
N ILE A 5 13.27 9.35 10.78
CA ILE A 5 12.29 8.54 11.50
C ILE A 5 11.64 9.19 12.72
N LYS A 6 10.35 9.19 12.71
CA LYS A 6 9.63 9.75 13.77
C LYS A 6 9.16 8.59 14.70
N TYR A 7 9.23 8.77 16.00
CA TYR A 7 8.81 7.75 16.98
C TYR A 7 7.67 8.27 17.91
N ASN A 8 6.44 7.69 17.80
CA ASN A 8 5.30 8.08 18.61
C ASN A 8 5.17 7.17 19.83
N GLN A 9 5.52 7.68 21.02
CA GLN A 9 5.43 6.88 22.22
C GLN A 9 4.07 6.88 22.85
N THR A 10 3.28 5.83 22.60
CA THR A 10 1.96 5.77 23.18
C THR A 10 2.06 5.77 24.70
N GLY A 11 3.16 5.19 25.21
CA GLY A 11 3.38 5.14 26.65
C GLY A 11 2.64 3.95 27.21
N MET A 12 1.99 3.27 26.29
CA MET A 12 1.18 2.08 26.49
C MET A 12 2.04 0.88 26.57
N THR A 13 1.44 -0.25 26.25
CA THR A 13 2.25 -1.45 26.31
C THR A 13 1.79 -2.45 25.29
N LEU A 14 2.75 -3.21 24.76
CA LEU A 14 2.50 -4.23 23.78
C LEU A 14 1.58 -5.30 24.34
N ASN A 15 1.66 -5.53 25.66
CA ASN A 15 0.83 -6.53 26.31
C ASN A 15 -0.62 -6.14 26.23
N GLN A 16 -0.88 -4.85 26.43
CA GLN A 16 -2.21 -4.24 26.41
C GLN A 16 -2.72 -4.18 25.01
N VAL A 17 -1.90 -3.65 24.11
CA VAL A 17 -2.38 -3.56 22.72
C VAL A 17 -2.66 -4.88 22.01
N ALA A 18 -1.90 -5.91 22.32
CA ALA A 18 -2.11 -7.20 21.70
C ALA A 18 -3.37 -7.92 22.20
N GLN A 19 -3.59 -7.92 23.55
CA GLN A 19 -4.75 -8.55 24.10
C GLN A 19 -5.95 -7.81 23.54
N ILE A 20 -5.81 -6.47 23.29
CA ILE A 20 -6.96 -5.77 22.74
C ILE A 20 -7.36 -6.34 21.37
N GLN A 21 -6.36 -6.78 20.56
CA GLN A 21 -6.66 -7.36 19.25
C GLN A 21 -7.43 -8.64 19.34
N ALA A 22 -7.08 -9.39 20.34
CA ALA A 22 -7.73 -10.67 20.61
C ALA A 22 -9.22 -10.51 20.96
N GLY A 23 -9.66 -9.34 21.58
CA GLY A 23 -11.06 -9.20 21.90
C GLY A 23 -11.92 -8.69 20.76
N LEU A 24 -11.31 -8.41 19.59
CA LEU A 24 -12.13 -7.92 18.48
C LEU A 24 -13.14 -8.90 17.95
N GLN A 25 -14.34 -8.41 17.60
CA GLN A 25 -15.34 -9.34 17.08
C GLN A 25 -14.86 -9.93 15.77
N TYR A 26 -14.06 -9.15 15.03
CA TYR A 26 -13.54 -9.58 13.75
C TYR A 26 -12.18 -10.13 14.13
N LYS A 27 -12.22 -11.36 14.55
CA LYS A 27 -11.07 -12.16 15.00
C LYS A 27 -9.99 -12.38 13.99
N PRO A 28 -8.77 -12.17 14.49
CA PRO A 28 -7.55 -12.33 13.66
C PRO A 28 -7.23 -13.73 13.09
N GLN A 29 -6.68 -13.82 11.84
CA GLN A 29 -6.31 -15.07 11.20
C GLN A 29 -4.80 -15.30 11.04
N VAL A 30 -4.41 -16.58 10.93
CA VAL A 30 -3.02 -16.94 10.77
C VAL A 30 -2.93 -18.08 9.77
N GLN A 31 -2.32 -17.75 8.62
CA GLN A 31 -2.09 -18.65 7.49
C GLN A 31 -0.88 -19.47 7.84
N ARG A 32 -1.02 -20.49 8.70
CA ARG A 32 0.13 -21.31 9.02
C ARG A 32 0.65 -21.99 7.78
N VAL A 33 -0.24 -22.20 6.81
CA VAL A 33 0.04 -22.82 5.54
C VAL A 33 -0.75 -21.90 4.60
N PRO A 34 -0.30 -21.68 3.36
CA PRO A 34 -1.10 -20.79 2.51
C PRO A 34 -2.50 -21.27 2.15
N GLY A 35 -3.48 -20.36 1.99
CA GLY A 35 -4.83 -20.78 1.64
C GLY A 35 -5.74 -21.23 2.76
N LYS A 36 -5.27 -21.09 4.00
CA LYS A 36 -6.05 -21.48 5.15
C LYS A 36 -5.76 -20.71 6.43
N TRP A 37 -6.82 -20.17 7.02
CA TRP A 37 -6.66 -19.41 8.24
C TRP A 37 -7.18 -20.07 9.48
N THR A 38 -6.69 -19.55 10.60
CA THR A 38 -7.07 -20.05 11.90
C THR A 38 -6.87 -18.90 12.82
N ASP A 39 -7.59 -18.84 13.91
CA ASP A 39 -7.37 -17.70 14.77
C ASP A 39 -6.03 -17.71 15.47
N ALA A 40 -5.38 -16.54 15.51
CA ALA A 40 -4.07 -16.40 16.16
C ALA A 40 -4.16 -16.32 17.68
N ASN A 41 -3.10 -16.75 18.39
CA ASN A 41 -3.05 -16.72 19.87
C ASN A 41 -2.44 -15.41 20.38
N PHE A 42 -2.33 -15.21 21.70
CA PHE A 42 -1.76 -13.98 22.19
C PHE A 42 -0.35 -13.79 21.69
N ASN A 43 0.44 -14.87 21.67
CA ASN A 43 1.81 -14.69 21.19
C ASN A 43 1.93 -14.34 19.71
N ASP A 44 1.00 -14.85 18.90
CA ASP A 44 0.92 -14.64 17.47
C ASP A 44 0.69 -13.19 17.08
N VAL A 45 -0.10 -12.49 17.89
CA VAL A 45 -0.44 -11.09 17.70
C VAL A 45 0.61 -10.17 18.31
N LYS A 46 1.12 -10.54 19.49
CA LYS A 46 2.13 -9.81 20.24
C LYS A 46 3.45 -9.74 19.45
N HIS A 47 3.72 -10.77 18.62
CA HIS A 47 4.95 -10.87 17.80
C HIS A 47 4.85 -10.14 16.46
N ALA A 48 3.71 -10.22 15.87
CA ALA A 48 3.42 -9.61 14.61
C ALA A 48 3.23 -8.07 14.76
N MET A 49 2.95 -7.64 15.99
CA MET A 49 2.72 -6.25 16.40
C MET A 49 3.91 -5.52 17.04
N ASP A 50 4.82 -6.30 17.52
CA ASP A 50 6.00 -5.81 18.20
C ASP A 50 6.84 -4.97 17.33
N THR A 51 6.51 -3.70 17.26
CA THR A 51 7.31 -2.83 16.39
C THR A 51 8.79 -2.86 16.73
N LYS A 52 9.16 -3.18 17.96
CA LYS A 52 10.57 -3.20 18.23
C LYS A 52 11.23 -4.24 17.36
N ARG A 53 10.52 -5.32 17.08
CA ARG A 53 11.12 -6.34 16.25
C ARG A 53 11.04 -5.93 14.78
N LEU A 54 9.85 -5.41 14.32
CA LEU A 54 9.75 -5.02 12.96
C LEU A 54 10.71 -3.89 12.59
N ALA A 55 11.01 -2.92 13.51
CA ALA A 55 11.96 -1.85 13.08
C ALA A 55 13.42 -2.32 12.76
N GLN A 56 13.88 -3.35 13.41
CA GLN A 56 15.21 -3.90 13.20
C GLN A 56 15.46 -4.65 11.91
N ASP A 57 14.40 -5.17 11.32
CA ASP A 57 14.46 -5.90 10.09
C ASP A 57 14.36 -4.95 8.88
N PRO A 58 15.33 -5.00 7.97
CA PRO A 58 15.33 -4.13 6.78
C PRO A 58 14.08 -4.26 5.85
N ALA A 59 13.44 -5.44 5.71
CA ALA A 59 12.29 -5.51 4.84
C ALA A 59 11.08 -5.11 5.70
N LEU A 60 11.01 -5.68 6.93
CA LEU A 60 9.90 -5.36 7.84
C LEU A 60 9.73 -3.85 8.22
N LYS A 61 10.81 -3.04 8.30
CA LYS A 61 10.57 -1.63 8.66
C LYS A 61 9.72 -0.90 7.60
N TYR A 62 9.50 -1.47 6.38
CA TYR A 62 8.71 -0.74 5.43
C TYR A 62 7.27 -0.51 5.80
N GLN A 63 6.75 -1.23 6.87
CA GLN A 63 5.38 -1.06 7.29
C GLN A 63 5.24 0.29 7.97
N PHE A 64 6.36 0.84 8.39
CA PHE A 64 6.41 2.17 9.03
C PHE A 64 6.74 3.28 8.02
N LEU A 65 6.98 2.93 6.74
CA LEU A 65 7.28 3.97 5.76
C LEU A 65 5.98 4.86 5.58
N ARG A 66 6.09 6.19 5.53
CA ARG A 66 4.90 6.99 5.32
C ARG A 66 4.52 7.11 3.85
N LEU A 67 3.36 6.54 3.53
CA LEU A 67 2.69 6.43 2.27
C LEU A 67 2.05 7.74 1.80
N ASP A 68 1.86 8.68 2.72
CA ASP A 68 1.28 9.97 2.43
C ASP A 68 2.41 10.92 2.01
N GLN A 69 3.65 10.42 2.02
CA GLN A 69 4.74 11.29 1.64
C GLN A 69 5.53 10.97 0.42
N PRO A 70 5.33 11.72 -0.63
CA PRO A 70 6.08 11.47 -1.83
C PRO A 70 7.56 11.69 -1.56
N GLN A 71 8.34 10.95 -2.26
CA GLN A 71 9.76 10.97 -2.22
C GLN A 71 10.02 11.44 -3.60
N ASN A 72 11.07 12.15 -3.78
CA ASN A 72 11.32 12.61 -5.14
C ASN A 72 12.11 11.61 -5.90
N ILE A 73 11.56 10.42 -6.12
CA ILE A 73 12.38 9.47 -6.87
C ILE A 73 12.53 9.98 -8.30
N SER A 74 13.71 9.81 -8.89
CA SER A 74 13.83 10.32 -10.26
C SER A 74 12.87 9.62 -11.24
N ILE A 75 12.24 10.40 -12.17
CA ILE A 75 11.33 9.84 -13.12
C ILE A 75 12.10 8.84 -14.00
N ASP A 76 13.42 9.07 -14.22
CA ASP A 76 14.17 8.14 -15.05
C ASP A 76 14.30 6.80 -14.39
N LYS A 77 14.49 6.84 -13.07
CA LYS A 77 14.63 5.63 -12.28
C LYS A 77 13.36 4.85 -12.32
N ILE A 78 12.23 5.58 -12.40
CA ILE A 78 10.98 4.87 -12.44
C ILE A 78 10.83 4.17 -13.75
N ASN A 79 11.08 4.86 -14.86
CA ASN A 79 10.95 4.15 -16.13
C ASN A 79 11.91 3.00 -16.24
N GLN A 80 13.10 3.10 -15.63
CA GLN A 80 13.96 1.94 -15.78
C GLN A 80 13.28 0.72 -15.18
N PHE A 81 12.43 0.94 -14.16
CA PHE A 81 11.72 -0.15 -13.51
C PHE A 81 10.42 -0.59 -14.21
N LEU A 82 9.65 0.37 -14.80
CA LEU A 82 8.42 0.18 -15.48
C LEU A 82 8.72 -0.40 -16.85
N LYS A 83 10.03 -0.49 -17.22
CA LYS A 83 10.27 -1.06 -18.55
C LYS A 83 9.77 -2.46 -18.75
N GLY A 84 9.11 -2.64 -19.90
CA GLY A 84 8.58 -3.94 -20.28
C GLY A 84 7.33 -4.33 -19.54
N LYS A 85 6.77 -3.40 -18.76
CA LYS A 85 5.57 -3.78 -18.03
C LYS A 85 4.29 -3.55 -18.79
N GLY A 86 4.17 -4.17 -20.00
CA GLY A 86 2.98 -4.03 -20.82
C GLY A 86 2.82 -2.53 -21.00
N VAL A 87 1.61 -2.02 -20.83
CA VAL A 87 1.41 -0.58 -20.97
C VAL A 87 2.11 -0.04 -19.71
N LEU A 88 2.06 1.25 -19.38
CA LEU A 88 2.76 1.67 -18.14
C LEU A 88 4.28 1.54 -18.28
N GLU A 89 4.78 0.94 -19.37
CA GLU A 89 6.18 0.74 -19.63
C GLU A 89 6.90 2.04 -19.33
N ASN A 90 6.37 3.13 -19.86
CA ASN A 90 7.02 4.40 -19.58
C ASN A 90 6.09 5.09 -18.61
N GLN A 91 6.06 6.39 -18.63
CA GLN A 91 5.24 7.24 -17.77
C GLN A 91 5.48 7.26 -16.29
N GLY A 92 6.74 7.27 -15.90
CA GLY A 92 7.00 7.32 -14.48
C GLY A 92 6.75 8.77 -14.14
N ALA A 93 6.66 9.56 -15.21
CA ALA A 93 6.42 10.96 -15.20
C ALA A 93 4.99 11.15 -14.90
N ALA A 94 4.13 10.34 -15.55
CA ALA A 94 2.72 10.52 -15.25
C ALA A 94 2.53 10.15 -13.79
N PHE A 95 3.34 9.19 -13.35
CA PHE A 95 3.27 8.75 -11.98
C PHE A 95 3.82 9.73 -10.98
N ASN A 96 4.96 10.39 -11.33
CA ASN A 96 5.47 11.33 -10.34
C ASN A 96 4.46 12.42 -10.17
N LYS A 97 3.77 12.63 -11.22
CA LYS A 97 2.73 13.64 -11.30
C LYS A 97 1.58 13.28 -10.41
N ALA A 98 1.08 12.01 -10.46
CA ALA A 98 0.00 11.72 -9.60
C ALA A 98 0.49 11.80 -8.19
N ALA A 99 1.80 11.44 -7.99
CA ALA A 99 2.30 11.50 -6.63
C ALA A 99 2.36 12.92 -6.04
N GLN A 100 2.97 13.85 -6.78
CA GLN A 100 3.00 15.17 -6.20
C GLN A 100 1.66 15.83 -6.10
N MET A 101 0.68 15.51 -6.99
CA MET A 101 -0.60 16.19 -6.86
C MET A 101 -1.35 15.90 -5.56
N TYR A 102 -1.54 14.63 -5.27
CA TYR A 102 -2.22 14.20 -4.08
C TYR A 102 -1.35 14.02 -2.86
N GLY A 103 -0.01 14.16 -2.99
CA GLY A 103 0.78 13.99 -1.77
C GLY A 103 0.61 12.57 -1.29
N ILE A 104 1.21 11.69 -2.04
CA ILE A 104 1.15 10.25 -1.76
C ILE A 104 2.44 9.61 -2.23
N ASN A 105 2.96 8.70 -1.45
CA ASN A 105 4.23 8.01 -1.80
C ASN A 105 4.04 7.34 -3.16
N GLU A 106 5.10 7.52 -4.03
CA GLU A 106 5.13 6.98 -5.37
C GLU A 106 5.16 5.54 -5.50
N VAL A 107 5.94 4.85 -4.65
CA VAL A 107 5.96 3.40 -4.77
C VAL A 107 4.58 2.81 -4.40
N TYR A 108 3.84 3.45 -3.49
CA TYR A 108 2.55 2.97 -3.09
C TYR A 108 1.61 3.09 -4.23
N LEU A 109 1.80 4.15 -5.04
CA LEU A 109 0.91 4.32 -6.18
C LEU A 109 1.20 3.33 -7.30
N ILE A 110 2.53 3.11 -7.62
CA ILE A 110 2.84 2.23 -8.66
C ILE A 110 2.51 0.76 -8.29
N SER A 111 2.87 0.28 -7.06
CA SER A 111 2.55 -1.07 -6.79
C SER A 111 1.07 -1.24 -6.91
N HIS A 112 0.32 -0.23 -6.49
CA HIS A 112 -1.11 -0.40 -6.62
C HIS A 112 -1.46 -0.49 -8.12
N ALA A 113 -0.82 0.36 -9.02
CA ALA A 113 -1.16 0.25 -10.44
C ALA A 113 -0.81 -1.17 -11.05
N LEU A 114 0.29 -1.73 -10.61
CA LEU A 114 0.80 -3.03 -11.01
C LEU A 114 -0.11 -4.24 -10.65
N LEU A 115 -0.77 -4.20 -9.50
CA LEU A 115 -1.66 -5.22 -9.00
C LEU A 115 -2.95 -5.21 -9.80
N GLU A 116 -3.53 -4.02 -9.98
CA GLU A 116 -4.77 -3.91 -10.74
C GLU A 116 -4.73 -4.27 -12.22
N THR A 117 -3.55 -4.06 -12.85
CA THR A 117 -3.28 -4.33 -14.24
C THR A 117 -2.38 -5.55 -14.50
N GLY A 118 -2.05 -6.33 -13.45
CA GLY A 118 -1.18 -7.48 -13.69
C GLY A 118 0.11 -7.07 -14.36
N ASN A 119 0.78 -6.02 -13.83
CA ASN A 119 2.03 -5.53 -14.41
C ASN A 119 1.84 -5.05 -15.84
N GLY A 120 0.76 -4.33 -16.03
CA GLY A 120 0.38 -3.77 -17.33
C GLY A 120 -0.36 -4.63 -18.34
N THR A 121 -0.70 -5.88 -17.99
CA THR A 121 -1.41 -6.76 -18.94
C THR A 121 -2.94 -6.87 -18.91
N SER A 122 -3.61 -6.22 -17.93
CA SER A 122 -5.07 -6.23 -17.77
C SER A 122 -5.81 -5.65 -18.94
N GLN A 123 -6.98 -6.23 -19.27
CA GLN A 123 -7.74 -5.72 -20.38
C GLN A 123 -8.19 -4.28 -20.10
N LEU A 124 -8.47 -3.99 -18.82
CA LEU A 124 -8.89 -2.66 -18.42
C LEU A 124 -7.81 -1.59 -18.66
N ALA A 125 -6.55 -1.99 -18.58
CA ALA A 125 -5.36 -1.16 -18.77
C ALA A 125 -4.94 -1.23 -20.19
N LYS A 126 -5.27 -2.35 -20.81
CA LYS A 126 -4.94 -2.57 -22.22
C LYS A 126 -5.76 -1.55 -23.03
N GLY A 127 -6.83 -1.03 -22.41
CA GLY A 127 -7.70 -0.07 -23.06
C GLY A 127 -8.74 -0.79 -23.89
N THR A 141 -10.42 1.95 -31.29
CA THR A 141 -9.94 2.93 -30.32
C THR A 141 -10.19 2.44 -28.91
N LYS A 142 -9.29 2.82 -28.01
CA LYS A 142 -9.40 2.42 -26.61
C LYS A 142 -9.17 3.43 -25.49
N TYR A 143 -10.03 3.30 -24.46
CA TYR A 143 -10.04 4.12 -23.26
C TYR A 143 -9.32 3.16 -22.22
N HIS A 144 -8.67 3.69 -21.14
CA HIS A 144 -7.94 2.90 -20.11
C HIS A 144 -8.27 2.99 -18.59
N ASN A 145 -7.74 2.00 -17.80
CA ASN A 145 -7.98 1.97 -16.38
C ASN A 145 -6.88 1.28 -15.65
N VAL A 146 -5.94 2.03 -15.12
CA VAL A 146 -4.90 1.28 -14.43
C VAL A 146 -5.17 1.05 -12.94
N PHE A 147 -6.30 1.49 -12.42
CA PHE A 147 -6.61 1.31 -11.00
C PHE A 147 -7.84 0.48 -10.56
N GLY A 148 -8.52 -0.21 -11.47
CA GLY A 148 -9.67 -0.98 -11.11
C GLY A 148 -10.81 -0.09 -10.71
N ILE A 149 -10.82 1.20 -11.18
CA ILE A 149 -11.93 2.07 -10.78
C ILE A 149 -13.27 1.52 -11.22
N ALA A 150 -14.24 1.53 -10.27
CA ALA A 150 -15.61 1.04 -10.51
C ALA A 150 -15.62 -0.34 -11.15
N ALA A 151 -14.65 -1.20 -10.78
CA ALA A 151 -14.55 -2.56 -11.33
C ALA A 151 -14.88 -3.74 -10.42
N TYR A 152 -15.35 -3.49 -9.19
CA TYR A 152 -15.68 -4.58 -8.27
C TYR A 152 -17.18 -4.61 -7.99
N ASP A 153 -18.01 -4.74 -9.05
CA ASP A 153 -19.44 -4.79 -8.88
C ASP A 153 -20.18 -5.55 -9.98
N ASN A 154 -20.84 -4.84 -10.90
CA ASN A 154 -21.58 -5.47 -11.98
C ASN A 154 -20.71 -6.10 -13.07
N ASP A 155 -20.13 -5.27 -13.94
CA ASP A 155 -19.28 -5.78 -15.00
C ASP A 155 -17.89 -5.19 -14.87
N PRO A 156 -16.97 -5.95 -14.28
CA PRO A 156 -15.61 -5.42 -14.13
C PRO A 156 -14.96 -5.00 -15.42
N LEU A 157 -15.22 -5.65 -16.57
CA LEU A 157 -14.58 -5.22 -17.78
C LEU A 157 -15.32 -4.05 -18.42
N ARG A 158 -16.53 -4.27 -18.96
CA ARG A 158 -17.19 -3.12 -19.56
C ARG A 158 -17.58 -2.00 -18.62
N GLU A 159 -17.94 -2.30 -17.35
CA GLU A 159 -18.29 -1.17 -16.50
C GLU A 159 -17.11 -0.28 -16.24
N GLY A 160 -15.91 -0.88 -16.14
CA GLY A 160 -14.73 -0.08 -15.90
C GLY A 160 -14.30 0.63 -17.16
N ILE A 161 -14.52 -0.01 -18.33
CA ILE A 161 -14.13 0.64 -19.58
C ILE A 161 -14.97 1.88 -19.75
N LYS A 162 -16.20 1.76 -19.25
CA LYS A 162 -17.26 2.76 -19.25
C LYS A 162 -16.92 3.99 -18.42
N TYR A 163 -16.17 3.78 -17.33
CA TYR A 163 -15.79 4.87 -16.45
C TYR A 163 -14.66 5.60 -17.10
N ALA A 164 -13.72 4.83 -17.59
CA ALA A 164 -12.56 5.36 -18.27
C ALA A 164 -12.96 6.11 -19.50
N LYS A 165 -14.02 5.64 -20.18
CA LYS A 165 -14.43 6.35 -21.37
C LYS A 165 -15.02 7.71 -20.99
N GLN A 166 -15.77 7.72 -19.88
CA GLN A 166 -16.40 8.93 -19.37
C GLN A 166 -15.51 10.07 -18.89
N ALA A 167 -14.32 9.74 -18.37
CA ALA A 167 -13.38 10.72 -17.89
C ALA A 167 -12.28 11.05 -18.85
N GLY A 168 -12.42 10.61 -20.10
CA GLY A 168 -11.38 10.90 -21.07
C GLY A 168 -10.08 10.13 -20.93
N TRP A 169 -10.05 8.95 -20.23
CA TRP A 169 -8.79 8.22 -20.11
C TRP A 169 -8.51 7.43 -21.37
N ASP A 170 -8.35 8.18 -22.45
CA ASP A 170 -8.06 7.69 -23.80
C ASP A 170 -6.60 7.30 -24.00
N THR A 171 -5.75 7.65 -23.03
CA THR A 171 -4.32 7.33 -23.12
C THR A 171 -3.83 6.87 -21.75
N VAL A 172 -2.72 6.13 -21.74
CA VAL A 172 -2.18 5.65 -20.46
C VAL A 172 -1.72 6.68 -19.44
N SER A 173 -1.11 7.80 -19.86
CA SER A 173 -0.68 8.77 -18.85
C SER A 173 -1.88 9.35 -18.15
N LYS A 174 -2.97 9.42 -18.90
CA LYS A 174 -4.28 9.93 -18.52
C LYS A 174 -5.01 9.00 -17.56
N ALA A 175 -5.04 7.67 -17.83
CA ALA A 175 -5.74 6.82 -16.89
C ALA A 175 -5.02 6.93 -15.57
N ILE A 176 -3.69 7.08 -15.64
CA ILE A 176 -2.94 7.20 -14.42
C ILE A 176 -3.27 8.48 -13.65
N VAL A 177 -3.49 9.61 -14.35
CA VAL A 177 -3.78 10.76 -13.54
C VAL A 177 -5.12 10.72 -12.92
N GLY A 178 -6.13 10.37 -13.70
CA GLY A 178 -7.45 10.33 -13.09
C GLY A 178 -7.63 9.18 -12.12
N GLY A 179 -6.96 7.98 -12.35
CA GLY A 179 -7.19 6.92 -11.39
C GLY A 179 -6.50 7.22 -10.10
N ALA A 180 -5.43 8.03 -10.20
CA ALA A 180 -4.73 8.31 -8.97
C ALA A 180 -5.42 8.99 -7.84
N LYS A 181 -6.39 9.89 -8.09
CA LYS A 181 -7.04 10.52 -6.96
C LYS A 181 -7.70 9.53 -6.04
N PHE A 182 -8.17 8.42 -6.59
CA PHE A 182 -8.82 7.38 -5.83
C PHE A 182 -8.02 6.58 -4.82
N ILE A 183 -6.72 6.48 -5.02
CA ILE A 183 -5.84 5.74 -4.12
C ILE A 183 -5.41 6.47 -2.85
N GLY A 184 -5.61 5.79 -1.72
CA GLY A 184 -5.28 6.31 -0.42
C GLY A 184 -6.26 7.28 0.22
N ASN A 185 -7.45 7.56 -0.38
CA ASN A 185 -8.33 8.51 0.32
C ASN A 185 -8.86 7.89 1.56
N SER A 186 -9.37 6.69 1.38
CA SER A 186 -9.95 5.91 2.44
C SER A 186 -9.01 5.40 3.50
N TYR A 187 -7.72 5.30 3.19
CA TYR A 187 -6.90 4.81 4.27
C TYR A 187 -5.78 5.74 4.63
N VAL A 188 -4.94 6.05 3.65
CA VAL A 188 -3.81 6.94 3.84
C VAL A 188 -4.22 8.35 4.26
N LYS A 189 -5.37 8.85 3.77
CA LYS A 189 -5.87 10.17 4.10
C LYS A 189 -6.75 10.36 5.33
N ALA A 190 -7.12 9.25 5.97
CA ALA A 190 -7.97 9.21 7.15
C ALA A 190 -7.06 8.95 8.32
N GLY A 191 -5.79 9.16 8.07
CA GLY A 191 -4.74 8.96 9.07
C GLY A 191 -4.00 7.63 9.15
N GLN A 192 -4.45 6.61 8.41
CA GLN A 192 -3.66 5.39 8.56
C GLN A 192 -2.62 5.43 7.45
N ASN A 193 -1.53 6.21 7.69
CA ASN A 193 -0.47 6.37 6.70
C ASN A 193 0.71 5.41 6.59
N THR A 194 0.69 4.31 7.29
CA THR A 194 1.79 3.36 7.18
C THR A 194 1.10 2.06 7.22
N LEU A 195 1.70 1.03 6.67
CA LEU A 195 1.00 -0.26 6.71
C LEU A 195 0.70 -0.76 8.18
N TYR A 196 1.44 -0.30 9.17
CA TYR A 196 1.19 -0.74 10.49
C TYR A 196 -0.13 -0.05 11.00
N LYS A 197 -0.29 1.27 10.75
CA LYS A 197 -1.47 1.96 11.19
C LYS A 197 -2.66 1.36 10.46
N MET A 198 -2.46 0.91 9.21
CA MET A 198 -3.61 0.32 8.49
C MET A 198 -4.08 -1.00 9.07
N ARG A 199 -3.15 -1.73 9.68
CA ARG A 199 -3.44 -3.00 10.28
C ARG A 199 -3.91 -2.96 11.72
N TRP A 200 -3.09 -2.32 12.61
CA TRP A 200 -3.34 -2.17 14.03
C TRP A 200 -3.99 -0.86 14.50
N ASN A 201 -3.98 0.19 13.64
CA ASN A 201 -4.56 1.47 13.99
C ASN A 201 -4.15 1.95 15.38
N PRO A 202 -2.88 2.30 15.67
CA PRO A 202 -2.64 2.73 17.05
C PRO A 202 -3.53 3.95 17.57
N ALA A 203 -4.00 4.99 16.78
CA ALA A 203 -4.81 6.02 17.43
C ALA A 203 -6.12 5.45 18.00
N HIS A 204 -6.74 4.49 17.27
CA HIS A 204 -7.98 3.84 17.69
C HIS A 204 -7.83 2.33 17.51
N PRO A 205 -7.14 1.63 18.42
CA PRO A 205 -7.01 0.17 18.21
C PRO A 205 -8.34 -0.55 18.11
N GLY A 206 -8.35 -1.52 17.20
CA GLY A 206 -9.52 -2.32 16.96
C GLY A 206 -10.46 -1.58 16.04
N THR A 207 -10.06 -0.36 15.59
CA THR A 207 -10.88 0.44 14.72
C THR A 207 -10.28 0.65 13.36
N HIS A 208 -11.17 0.67 12.38
CA HIS A 208 -10.88 0.84 10.97
C HIS A 208 -9.71 0.02 10.40
N GLN A 209 -9.49 -1.17 10.96
CA GLN A 209 -8.40 -1.99 10.46
C GLN A 209 -8.59 -2.66 9.10
N TYR A 210 -7.52 -2.70 8.33
CA TYR A 210 -7.55 -3.31 7.02
C TYR A 210 -7.77 -4.83 6.84
N ALA A 211 -7.38 -5.74 7.78
CA ALA A 211 -7.61 -7.15 7.55
C ALA A 211 -7.35 -7.93 8.81
N THR A 212 -7.87 -9.16 8.85
CA THR A 212 -7.68 -9.98 10.02
C THR A 212 -6.32 -10.61 10.16
N ASP A 213 -5.65 -10.88 9.03
CA ASP A 213 -4.32 -11.49 9.06
C ASP A 213 -3.32 -10.62 9.84
N VAL A 214 -2.62 -11.21 10.77
CA VAL A 214 -1.66 -10.55 11.59
C VAL A 214 -0.43 -10.29 10.92
N ASP A 215 -0.25 -10.93 9.75
CA ASP A 215 0.94 -10.78 8.93
C ASP A 215 0.75 -9.83 7.77
N TRP A 216 -0.48 -9.32 7.60
CA TRP A 216 -0.74 -8.39 6.50
C TRP A 216 0.20 -7.15 6.34
N ALA A 217 0.69 -6.45 7.44
CA ALA A 217 1.56 -5.29 7.20
C ALA A 217 2.94 -5.85 6.86
N ASN A 218 3.27 -6.99 7.48
CA ASN A 218 4.59 -7.60 7.19
C ASN A 218 4.68 -8.10 5.72
N ILE A 219 3.60 -8.67 5.22
CA ILE A 219 3.67 -9.14 3.85
C ILE A 219 3.79 -7.98 2.92
N ASN A 220 2.89 -6.93 3.14
CA ASN A 220 2.93 -5.78 2.30
C ASN A 220 4.27 -5.03 2.47
N ALA A 221 4.91 -5.09 3.65
CA ALA A 221 6.12 -4.39 3.75
C ALA A 221 7.14 -5.10 2.84
N LYS A 222 7.03 -6.48 2.71
CA LYS A 222 7.95 -7.26 1.87
C LYS A 222 7.86 -6.85 0.41
N ILE A 223 6.63 -6.76 -0.09
CA ILE A 223 6.45 -6.38 -1.47
C ILE A 223 6.91 -4.96 -1.76
N ILE A 224 6.81 -4.07 -0.81
CA ILE A 224 7.20 -2.66 -1.02
C ILE A 224 8.65 -2.51 -1.05
N LYS A 225 9.29 -3.16 -0.14
CA LYS A 225 10.69 -3.05 -0.11
C LYS A 225 11.18 -3.72 -1.38
N GLY A 226 10.42 -4.69 -1.93
CA GLY A 226 10.92 -5.35 -3.14
C GLY A 226 10.89 -4.37 -4.30
N TYR A 227 9.88 -3.56 -4.36
CA TYR A 227 9.85 -2.62 -5.42
C TYR A 227 10.94 -1.58 -5.20
N TYR A 228 11.25 -1.17 -3.95
CA TYR A 228 12.27 -0.19 -3.69
C TYR A 228 13.60 -0.65 -4.19
N ASP A 229 13.93 -1.90 -4.00
CA ASP A 229 15.20 -2.43 -4.45
C ASP A 229 15.29 -2.52 -5.97
N LYS A 230 14.17 -2.79 -6.63
CA LYS A 230 14.18 -2.92 -8.08
C LYS A 230 14.34 -1.60 -8.65
N ILE A 231 13.63 -0.65 -8.08
CA ILE A 231 13.65 0.70 -8.51
C ILE A 231 14.93 1.34 -8.30
N GLY A 232 15.66 1.01 -7.30
CA GLY A 232 16.94 1.68 -7.15
C GLY A 232 17.01 2.69 -6.04
N GLU A 233 16.08 2.63 -5.14
CA GLU A 233 16.06 3.52 -4.02
C GLU A 233 15.70 2.81 -2.76
N VAL A 234 15.69 3.57 -1.68
CA VAL A 234 15.41 3.22 -0.28
C VAL A 234 14.46 4.31 0.34
N GLY A 235 13.62 3.94 1.35
CA GLY A 235 12.72 4.90 1.98
C GLY A 235 13.40 5.93 2.86
N LYS A 236 12.81 7.05 2.99
CA LYS A 236 13.34 8.13 3.80
C LYS A 236 12.47 8.64 4.93
N TYR A 237 11.16 8.39 4.89
CA TYR A 237 10.27 8.87 5.94
C TYR A 237 9.60 7.75 6.61
N PHE A 238 9.93 7.62 7.90
CA PHE A 238 9.31 6.51 8.64
C PHE A 238 8.61 6.96 9.88
N ASP A 239 7.70 6.08 10.40
CA ASP A 239 6.91 6.43 11.62
C ASP A 239 6.64 5.16 12.38
N ILE A 240 7.32 4.99 13.50
CA ILE A 240 7.25 3.87 14.39
C ILE A 240 6.54 4.08 15.75
N PRO A 241 5.42 3.40 15.95
CA PRO A 241 4.69 3.51 17.22
C PRO A 241 5.55 2.97 18.36
N GLN A 242 5.52 3.51 19.58
CA GLN A 242 6.37 2.88 20.58
C GLN A 242 5.54 2.49 21.79
N TYR A 243 5.82 1.32 22.35
CA TYR A 243 5.07 0.87 23.53
C TYR A 243 6.08 0.69 24.66
N LYS A 244 5.72 1.07 25.89
CA LYS A 244 6.67 0.91 27.00
C LYS A 244 6.01 0.76 28.38
CL CL B . -6.48 3.52 0.33
CL CL C . -17.06 -7.58 -18.91
CL CL D . 3.01 13.75 11.05
#